data_1G9H
#
_entry.id   1G9H
#
_cell.length_a   71.330
_cell.length_b   138.680
_cell.length_c   114.810
_cell.angle_alpha   90.00
_cell.angle_beta   90.00
_cell.angle_gamma   90.00
#
_symmetry.space_group_name_H-M   'C 2 2 21'
#
loop_
_entity.id
_entity.type
_entity.pdbx_description
1 polymer ALPHA-AMYLASE
2 branched 4,6-dideoxy-4-{[(1S,5R,6S)-3-formyl-5,6-dihydroxy-4-oxocyclohex-2-en-1-yl]amino}-alpha-D-xylo-hex-5-enopyranose-(1-4)-beta-D-glucopyranose
3 non-polymer 'CALCIUM ION'
4 non-polymer 'CHLORIDE ION'
5 non-polymer 2-AMINO-2-HYDROXYMETHYL-PROPANE-1,3-DIOL
6 water water
#
_entity_poly.entity_id   1
_entity_poly.type   'polypeptide(L)'
_entity_poly.pdbx_seq_one_letter_code
;TPTTFVHLFEWNWQDVAQECEQYLGPKGYAAVQVSPPNEHITGSQWWTRYQPVSYELQSRGGNRAQFIDMVNRCSAAGVD
IYVDTLINHMAAGSGTGTAGNSFGNKSFPIYSPQDFHESCTINNSDYGNDRYRVQNCELVGLADLDTASNYVQNTIAAYI
NDLQAIGVKGFRFDASKHVAASDIQSLMAKVNGSPVVFQEVIDQGGEAVGASEYLSTGLVTEFKYSTELGNTFRNGSLAW
LSNFGEGWGFMPSSSAVVFVDNHDNQRGHGGAGNVITFEDGRLYDLANVFMLAYPYGYPKVMSSYDFHGDTDAGGPNVPV
HNNGNLECFASNWKCEHRWSYIAGGVDFRNNTADNWAVTNWWDNTNNQISFGRGSSGHMAINKEDSTLTATVQTDMASGQ
YCNVLKGELSADAKSCSGEVITVNSDGTINLNIGAWDAMAIHKNAKLN
;
_entity_poly.pdbx_strand_id   A
#
# COMPACT_ATOMS: atom_id res chain seq x y z
N THR A 1 4.00 -0.18 18.19
CA THR A 1 3.89 1.15 17.53
C THR A 1 3.53 0.98 16.06
N PRO A 2 2.83 1.95 15.46
CA PRO A 2 2.40 1.93 14.05
C PRO A 2 3.54 1.84 13.03
N THR A 3 3.42 0.93 12.06
CA THR A 3 4.47 0.74 11.06
C THR A 3 3.95 0.40 9.65
N THR A 4 2.67 0.02 9.56
CA THR A 4 2.09 -0.43 8.31
C THR A 4 0.74 0.19 7.98
N PHE A 5 0.53 0.56 6.71
CA PHE A 5 -0.78 1.09 6.34
C PHE A 5 -1.47 0.12 5.38
N VAL A 6 -2.71 0.42 5.00
CA VAL A 6 -3.46 -0.49 4.14
C VAL A 6 -4.25 0.28 3.10
N HIS A 7 -4.36 -0.28 1.89
CA HIS A 7 -5.14 0.34 0.83
C HIS A 7 -6.52 -0.34 0.77
N LEU A 8 -7.54 0.33 1.29
CA LEU A 8 -8.91 -0.19 1.25
C LEU A 8 -9.51 0.28 -0.08
N PHE A 9 -9.06 -0.38 -1.15
CA PHE A 9 -9.42 -0.09 -2.54
C PHE A 9 -10.91 -0.17 -2.82
N GLU A 10 -11.49 0.97 -3.20
CA GLU A 10 -12.92 1.07 -3.52
C GLU A 10 -13.86 0.84 -2.34
N TRP A 11 -13.35 0.92 -1.11
CA TRP A 11 -14.21 0.76 0.06
C TRP A 11 -14.94 2.10 0.30
N ASN A 12 -16.25 2.06 0.56
CA ASN A 12 -16.99 3.30 0.81
C ASN A 12 -16.67 3.83 2.22
N TRP A 13 -17.02 5.10 2.47
CA TRP A 13 -16.69 5.73 3.74
C TRP A 13 -17.26 5.10 4.99
N GLN A 14 -18.45 4.51 4.87
CA GLN A 14 -19.09 3.85 6.01
C GLN A 14 -18.38 2.55 6.33
N ASP A 15 -17.96 1.82 5.30
CA ASP A 15 -17.23 0.58 5.51
C ASP A 15 -15.87 0.85 6.14
N VAL A 16 -15.19 1.91 5.68
CA VAL A 16 -13.87 2.26 6.22
C VAL A 16 -13.96 2.66 7.69
N ALA A 17 -14.96 3.49 8.01
CA ALA A 17 -15.15 3.96 9.39
C ALA A 17 -15.38 2.77 10.34
N GLN A 18 -16.23 1.82 9.92
CA GLN A 18 -16.49 0.65 10.76
C GLN A 18 -15.24 -0.23 10.86
N GLU A 19 -14.50 -0.33 9.75
CA GLU A 19 -13.29 -1.15 9.73
C GLU A 19 -12.23 -0.57 10.67
N CYS A 20 -12.17 0.75 10.77
CA CYS A 20 -11.21 1.40 11.65
C CYS A 20 -11.46 1.03 13.10
N GLU A 21 -12.73 1.10 13.50
CA GLU A 21 -13.17 0.80 14.85
C GLU A 21 -13.11 -0.65 15.26
N GLN A 22 -13.55 -1.53 14.37
CA GLN A 22 -13.61 -2.94 14.66
C GLN A 22 -12.34 -3.73 14.42
N TYR A 23 -11.49 -3.28 13.50
CA TYR A 23 -10.31 -4.06 13.18
C TYR A 23 -8.97 -3.35 13.06
N LEU A 24 -8.88 -2.34 12.19
CA LEU A 24 -7.62 -1.65 11.95
C LEU A 24 -6.99 -1.03 13.20
N GLY A 25 -7.83 -0.36 13.99
CA GLY A 25 -7.36 0.25 15.22
C GLY A 25 -6.84 -0.79 16.20
N PRO A 26 -7.66 -1.78 16.58
CA PRO A 26 -7.26 -2.83 17.51
C PRO A 26 -6.03 -3.62 17.04
N LYS A 27 -5.94 -3.88 15.73
CA LYS A 27 -4.79 -4.61 15.16
C LYS A 27 -3.54 -3.79 14.95
N GLY A 28 -3.64 -2.49 15.19
CA GLY A 28 -2.47 -1.64 15.06
C GLY A 28 -2.05 -1.09 13.71
N TYR A 29 -2.93 -1.09 12.71
CA TYR A 29 -2.58 -0.52 11.39
C TYR A 29 -2.45 0.99 11.59
N ALA A 30 -1.44 1.59 10.97
CA ALA A 30 -1.19 3.03 11.11
C ALA A 30 -2.15 3.94 10.37
N ALA A 31 -2.53 3.56 9.16
CA ALA A 31 -3.38 4.40 8.36
C ALA A 31 -4.07 3.66 7.24
N VAL A 32 -4.99 4.37 6.58
CA VAL A 32 -5.76 3.83 5.46
C VAL A 32 -5.66 4.74 4.25
N GLN A 33 -5.25 4.17 3.12
CA GLN A 33 -5.20 4.92 1.87
C GLN A 33 -6.59 4.70 1.25
N VAL A 34 -7.37 5.77 1.11
CA VAL A 34 -8.69 5.66 0.52
C VAL A 34 -8.68 6.00 -0.97
N SER A 35 -9.73 5.58 -1.68
CA SER A 35 -9.89 5.88 -3.10
C SER A 35 -10.20 7.39 -3.23
N PRO A 36 -9.89 8.01 -4.39
CA PRO A 36 -10.15 9.45 -4.60
C PRO A 36 -11.56 9.86 -4.11
N PRO A 37 -11.63 10.77 -3.13
CA PRO A 37 -12.88 11.27 -2.55
C PRO A 37 -13.53 12.47 -3.25
N ASN A 38 -12.86 13.02 -4.26
CA ASN A 38 -13.37 14.16 -5.00
C ASN A 38 -14.35 13.75 -6.12
N GLU A 39 -15.06 14.73 -6.66
CA GLU A 39 -16.02 14.48 -7.74
C GLU A 39 -15.30 13.93 -8.98
N HIS A 40 -15.83 12.85 -9.54
CA HIS A 40 -15.24 12.20 -10.70
C HIS A 40 -16.32 11.82 -11.70
N ILE A 41 -15.94 11.29 -12.86
CA ILE A 41 -16.92 10.91 -13.86
C ILE A 41 -17.82 9.76 -13.41
N THR A 42 -19.05 9.72 -13.93
CA THR A 42 -19.98 8.65 -13.61
C THR A 42 -19.53 7.37 -14.35
N GLY A 43 -20.05 6.21 -13.93
CA GLY A 43 -19.66 4.95 -14.56
C GLY A 43 -19.29 3.93 -13.49
N SER A 44 -19.39 2.65 -13.80
CA SER A 44 -19.10 1.61 -12.81
C SER A 44 -17.65 1.16 -12.68
N GLN A 45 -16.83 1.37 -13.71
CA GLN A 45 -15.42 0.95 -13.68
C GLN A 45 -14.64 1.58 -12.53
N TRP A 46 -13.62 0.88 -12.04
CA TRP A 46 -12.82 1.42 -10.93
C TRP A 46 -12.04 2.66 -11.35
N TRP A 47 -11.58 2.69 -12.61
CA TRP A 47 -10.79 3.82 -13.10
C TRP A 47 -11.51 5.16 -13.29
N THR A 48 -12.81 5.20 -13.08
CA THR A 48 -13.56 6.46 -13.19
C THR A 48 -13.12 7.42 -12.06
N ARG A 49 -12.58 6.86 -10.98
N ARG A 49 -12.57 6.86 -10.98
CA ARG A 49 -12.09 7.62 -9.82
CA ARG A 49 -12.11 7.64 -9.83
C ARG A 49 -10.88 8.49 -10.17
C ARG A 49 -10.89 8.50 -10.18
N TYR A 50 -10.20 8.09 -11.23
CA TYR A 50 -9.01 8.79 -11.70
C TYR A 50 -9.23 9.82 -12.80
N GLN A 51 -10.49 10.21 -12.98
CA GLN A 51 -10.88 11.22 -13.96
C GLN A 51 -11.69 12.27 -13.18
N PRO A 52 -11.00 13.24 -12.53
CA PRO A 52 -11.66 14.28 -11.75
C PRO A 52 -12.50 15.27 -12.57
N VAL A 53 -13.56 15.76 -11.94
CA VAL A 53 -14.45 16.75 -12.54
C VAL A 53 -14.32 18.04 -11.72
N SER A 54 -14.21 17.90 -10.39
CA SER A 54 -14.01 19.04 -9.48
C SER A 54 -13.40 18.51 -8.19
N TYR A 55 -13.24 19.39 -7.20
CA TYR A 55 -12.68 18.98 -5.92
C TYR A 55 -13.72 18.84 -4.81
N GLU A 56 -15.00 18.77 -5.18
CA GLU A 56 -16.08 18.61 -4.21
C GLU A 56 -16.06 17.17 -3.71
N LEU A 57 -16.27 17.00 -2.41
CA LEU A 57 -16.23 15.68 -1.78
C LEU A 57 -17.49 14.83 -1.92
N GLN A 58 -17.88 14.57 -3.17
CA GLN A 58 -19.05 13.75 -3.46
C GLN A 58 -18.59 12.76 -4.52
N SER A 59 -18.35 11.53 -4.09
CA SER A 59 -17.83 10.48 -4.96
C SER A 59 -18.56 9.18 -4.76
N ARG A 60 -18.09 8.15 -5.44
CA ARG A 60 -18.69 6.82 -5.32
C ARG A 60 -18.56 6.31 -3.88
N GLY A 61 -17.56 6.80 -3.15
CA GLY A 61 -17.38 6.39 -1.77
C GLY A 61 -18.41 6.99 -0.81
N GLY A 62 -19.01 8.11 -1.21
CA GLY A 62 -20.00 8.77 -0.37
C GLY A 62 -19.92 10.30 -0.46
N ASN A 63 -20.76 10.98 0.32
CA ASN A 63 -20.77 12.44 0.34
C ASN A 63 -19.80 13.03 1.36
N ARG A 64 -19.77 14.36 1.43
CA ARG A 64 -18.87 15.08 2.32
C ARG A 64 -19.03 14.80 3.82
N ALA A 65 -20.28 14.67 4.27
CA ALA A 65 -20.57 14.40 5.67
C ALA A 65 -20.08 13.00 6.06
N GLN A 66 -20.23 12.04 5.14
CA GLN A 66 -19.79 10.67 5.39
C GLN A 66 -18.27 10.62 5.38
N PHE A 67 -17.64 11.45 4.56
CA PHE A 67 -16.18 11.50 4.50
C PHE A 67 -15.66 12.05 5.81
N ILE A 68 -16.22 13.16 6.27
CA ILE A 68 -15.80 13.78 7.52
C ILE A 68 -16.02 12.81 8.69
N ASP A 69 -17.15 12.11 8.67
CA ASP A 69 -17.50 11.13 9.69
C ASP A 69 -16.42 10.02 9.74
N MET A 70 -15.99 9.57 8.56
CA MET A 70 -14.96 8.53 8.45
C MET A 70 -13.62 9.01 9.03
N VAL A 71 -13.22 10.24 8.72
CA VAL A 71 -11.95 10.77 9.24
C VAL A 71 -11.98 10.84 10.77
N ASN A 72 -13.10 11.31 11.34
CA ASN A 72 -13.25 11.43 12.78
C ASN A 72 -13.24 10.08 13.49
N ARG A 73 -14.04 9.14 12.99
CA ARG A 73 -14.16 7.82 13.56
C ARG A 73 -12.84 7.03 13.47
N CYS A 74 -12.12 7.17 12.37
CA CYS A 74 -10.84 6.49 12.22
C CYS A 74 -9.80 7.11 13.15
N SER A 75 -9.82 8.43 13.23
CA SER A 75 -8.90 9.17 14.09
C SER A 75 -9.07 8.78 15.58
N ALA A 76 -10.33 8.65 16.01
CA ALA A 76 -10.64 8.29 17.39
C ALA A 76 -10.16 6.88 17.67
N ALA A 77 -10.12 6.05 16.63
CA ALA A 77 -9.66 4.66 16.73
C ALA A 77 -8.13 4.56 16.64
N GLY A 78 -7.46 5.68 16.34
CA GLY A 78 -6.01 5.71 16.24
C GLY A 78 -5.46 5.46 14.85
N VAL A 79 -6.31 5.54 13.83
CA VAL A 79 -5.95 5.30 12.44
C VAL A 79 -6.06 6.56 11.56
N ASP A 80 -4.97 6.91 10.88
CA ASP A 80 -4.93 8.08 9.99
C ASP A 80 -5.53 7.78 8.60
N ILE A 81 -5.86 8.83 7.87
CA ILE A 81 -6.42 8.68 6.53
C ILE A 81 -5.45 9.35 5.54
N TYR A 82 -5.12 8.63 4.47
CA TYR A 82 -4.24 9.15 3.42
C TYR A 82 -5.17 9.27 2.20
N VAL A 83 -5.25 10.45 1.60
CA VAL A 83 -6.11 10.65 0.43
C VAL A 83 -5.38 10.55 -0.90
N ASP A 84 -5.91 9.74 -1.81
CA ASP A 84 -5.35 9.57 -3.15
C ASP A 84 -5.69 10.91 -3.85
N THR A 85 -4.65 11.69 -4.11
CA THR A 85 -4.73 13.03 -4.69
C THR A 85 -4.24 13.14 -6.15
N LEU A 86 -5.15 13.59 -7.04
CA LEU A 86 -4.84 13.72 -8.45
C LEU A 86 -4.23 15.09 -8.74
N ILE A 87 -2.92 15.12 -8.87
CA ILE A 87 -2.23 16.38 -9.10
C ILE A 87 -1.83 16.62 -10.56
N ASN A 88 -2.03 15.62 -11.41
CA ASN A 88 -1.61 15.74 -12.79
C ASN A 88 -2.65 16.10 -13.84
N HIS A 89 -3.88 15.67 -13.64
CA HIS A 89 -4.89 15.86 -14.68
C HIS A 89 -6.33 15.96 -14.21
N MET A 90 -7.20 16.16 -15.19
CA MET A 90 -8.64 16.21 -15.00
C MET A 90 -9.19 15.20 -16.01
N ALA A 91 -10.50 14.94 -15.96
CA ALA A 91 -11.15 13.98 -16.84
C ALA A 91 -10.99 14.23 -18.33
N ALA A 92 -11.06 13.14 -19.09
CA ALA A 92 -10.96 13.20 -20.55
C ALA A 92 -12.35 13.43 -21.16
N GLY A 93 -12.39 13.92 -22.39
CA GLY A 93 -13.65 14.15 -23.09
C GLY A 93 -14.61 15.09 -22.41
N SER A 94 -15.86 14.66 -22.32
CA SER A 94 -16.88 15.48 -21.70
C SER A 94 -17.87 14.57 -21.01
N GLY A 95 -18.71 15.15 -20.16
CA GLY A 95 -19.69 14.37 -19.44
C GLY A 95 -20.25 15.06 -18.24
N THR A 96 -20.59 14.25 -17.22
N THR A 96 -20.60 14.25 -17.24
CA THR A 96 -21.20 14.72 -15.97
CA THR A 96 -21.19 14.74 -16.00
C THR A 96 -20.48 14.07 -14.80
C THR A 96 -20.49 14.07 -14.80
N GLY A 97 -20.37 14.80 -13.69
CA GLY A 97 -19.70 14.27 -12.52
C GLY A 97 -20.63 13.71 -11.46
N THR A 98 -20.04 13.05 -10.46
CA THR A 98 -20.82 12.45 -9.38
C THR A 98 -21.54 13.46 -8.47
N ALA A 99 -21.20 14.74 -8.57
CA ALA A 99 -21.86 15.79 -7.77
C ALA A 99 -22.79 16.66 -8.65
N GLY A 100 -23.02 16.21 -9.88
CA GLY A 100 -23.90 16.94 -10.79
C GLY A 100 -23.26 17.93 -11.76
N ASN A 101 -21.97 18.21 -11.60
CA ASN A 101 -21.29 19.17 -12.49
C ASN A 101 -21.01 18.64 -13.88
N SER A 102 -21.07 19.53 -14.88
N SER A 102 -21.07 19.52 -14.86
CA SER A 102 -20.78 19.13 -16.25
CA SER A 102 -20.81 19.14 -16.25
C SER A 102 -19.43 19.66 -16.64
C SER A 102 -19.45 19.69 -16.68
N PHE A 103 -18.83 19.02 -17.65
CA PHE A 103 -17.53 19.41 -18.15
C PHE A 103 -17.44 18.97 -19.60
N GLY A 104 -16.49 19.54 -20.32
CA GLY A 104 -16.28 19.18 -21.70
C GLY A 104 -15.34 20.14 -22.36
N ASN A 105 -14.60 19.66 -23.37
CA ASN A 105 -13.65 20.51 -24.08
C ASN A 105 -12.67 21.20 -23.13
N LYS A 106 -12.13 20.45 -22.17
CA LYS A 106 -11.19 20.98 -21.18
C LYS A 106 -11.75 22.14 -20.39
N SER A 107 -13.07 22.13 -20.21
CA SER A 107 -13.73 23.18 -19.47
C SER A 107 -14.42 22.52 -18.29
N PHE A 108 -13.99 22.89 -17.08
CA PHE A 108 -14.51 22.33 -15.83
C PHE A 108 -15.00 23.42 -14.89
N PRO A 109 -15.70 23.04 -13.80
CA PRO A 109 -16.21 24.03 -12.85
C PRO A 109 -15.08 24.91 -12.30
N ILE A 110 -13.88 24.35 -12.16
CA ILE A 110 -12.73 25.06 -11.60
C ILE A 110 -11.53 25.31 -12.52
N TYR A 111 -11.59 24.84 -13.77
CA TYR A 111 -10.50 25.03 -14.73
C TYR A 111 -11.02 25.38 -16.12
N SER A 112 -10.27 26.22 -16.81
CA SER A 112 -10.60 26.64 -18.16
C SER A 112 -9.59 25.95 -19.08
N PRO A 113 -9.84 25.98 -20.40
CA PRO A 113 -8.90 25.35 -21.33
C PRO A 113 -7.49 25.92 -21.22
N GLN A 114 -7.38 27.15 -20.74
CA GLN A 114 -6.09 27.80 -20.62
C GLN A 114 -5.27 27.31 -19.42
N ASP A 115 -5.88 26.51 -18.56
CA ASP A 115 -5.20 25.98 -17.37
C ASP A 115 -4.59 24.61 -17.61
N PHE A 116 -4.55 24.20 -18.87
CA PHE A 116 -4.01 22.90 -19.27
C PHE A 116 -2.92 23.09 -20.31
N HIS A 117 -2.06 22.10 -20.44
CA HIS A 117 -1.00 22.11 -21.46
C HIS A 117 -1.72 21.77 -22.77
N GLU A 118 -1.15 22.19 -23.90
CA GLU A 118 -1.75 21.87 -25.19
C GLU A 118 -1.75 20.36 -25.37
N SER A 119 -2.83 19.83 -25.92
CA SER A 119 -2.97 18.40 -26.13
C SER A 119 -1.92 17.74 -27.00
N CYS A 120 -1.43 16.61 -26.49
CA CYS A 120 -0.46 15.75 -27.18
C CYS A 120 -0.55 14.43 -26.41
N THR A 121 -0.17 13.34 -27.08
CA THR A 121 -0.27 12.03 -26.49
C THR A 121 1.05 11.47 -25.97
N ILE A 122 1.01 10.89 -24.76
CA ILE A 122 2.20 10.28 -24.21
C ILE A 122 2.27 8.89 -24.84
N ASN A 123 3.29 8.65 -25.64
CA ASN A 123 3.48 7.34 -26.27
C ASN A 123 4.37 6.52 -25.36
N ASN A 124 4.27 5.20 -25.47
CA ASN A 124 5.09 4.32 -24.63
C ASN A 124 6.58 4.64 -24.78
N SER A 125 7.04 4.91 -26.01
CA SER A 125 8.45 5.22 -26.22
C SER A 125 8.93 6.50 -25.53
N ASP A 126 7.99 7.42 -25.23
CA ASP A 126 8.32 8.67 -24.56
C ASP A 126 8.90 8.46 -23.16
N TYR A 127 8.49 7.39 -22.49
CA TYR A 127 9.01 7.09 -21.15
C TYR A 127 10.52 6.93 -21.11
N GLY A 128 11.07 6.31 -22.16
CA GLY A 128 12.50 6.10 -22.22
C GLY A 128 13.32 7.22 -22.82
N ASN A 129 12.72 8.07 -23.65
CA ASN A 129 13.51 9.13 -24.27
C ASN A 129 12.96 10.54 -24.43
N ASP A 130 11.86 10.88 -23.76
CA ASP A 130 11.35 12.23 -23.89
C ASP A 130 10.62 12.67 -22.63
N ARG A 131 11.35 13.28 -21.69
CA ARG A 131 10.76 13.72 -20.44
C ARG A 131 9.76 14.86 -20.64
N TYR A 132 9.97 15.68 -21.67
CA TYR A 132 9.06 16.78 -21.95
C TYR A 132 7.67 16.21 -22.26
N ARG A 133 7.60 15.19 -23.12
CA ARG A 133 6.32 14.58 -23.46
C ARG A 133 5.70 13.81 -22.28
N VAL A 134 6.53 13.15 -21.47
CA VAL A 134 6.03 12.41 -20.31
C VAL A 134 5.33 13.37 -19.33
N GLN A 135 5.87 14.57 -19.17
CA GLN A 135 5.33 15.53 -18.21
C GLN A 135 4.39 16.62 -18.74
N ASN A 136 4.36 16.82 -20.05
CA ASN A 136 3.48 17.84 -20.63
C ASN A 136 2.36 17.29 -21.50
N CYS A 137 2.50 16.06 -21.97
CA CYS A 137 1.45 15.45 -22.79
C CYS A 137 0.45 14.68 -21.94
N GLU A 138 -0.61 14.20 -22.57
CA GLU A 138 -1.69 13.49 -21.91
C GLU A 138 -1.50 12.02 -21.66
N LEU A 139 -1.80 11.61 -20.43
CA LEU A 139 -1.75 10.22 -20.01
C LEU A 139 -3.11 9.63 -20.42
N VAL A 140 -3.09 8.81 -21.47
CA VAL A 140 -4.29 8.18 -22.03
C VAL A 140 -5.47 9.16 -22.19
N GLY A 141 -5.18 10.33 -22.77
CA GLY A 141 -6.19 11.36 -23.02
C GLY A 141 -6.66 12.22 -21.85
N LEU A 142 -6.12 11.99 -20.66
CA LEU A 142 -6.52 12.79 -19.50
C LEU A 142 -5.98 14.20 -19.66
N ALA A 143 -6.86 15.20 -19.51
CA ALA A 143 -6.48 16.63 -19.67
C ALA A 143 -5.33 16.97 -18.73
N ASP A 144 -4.19 17.30 -19.31
CA ASP A 144 -2.98 17.58 -18.53
C ASP A 144 -2.87 19.00 -17.97
N LEU A 145 -3.04 19.13 -16.67
CA LEU A 145 -2.97 20.44 -16.00
C LEU A 145 -1.63 21.15 -16.15
N ASP A 146 -1.68 22.46 -16.27
CA ASP A 146 -0.46 23.24 -16.34
C ASP A 146 -0.05 23.41 -14.87
N THR A 147 0.73 22.45 -14.36
CA THR A 147 1.16 22.48 -12.98
C THR A 147 2.20 23.57 -12.62
N ALA A 148 2.64 24.33 -13.61
CA ALA A 148 3.59 25.43 -13.36
C ALA A 148 2.82 26.72 -13.10
N SER A 149 1.53 26.69 -13.39
CA SER A 149 0.65 27.83 -13.21
C SER A 149 0.32 28.13 -11.75
N ASN A 150 0.44 29.40 -11.36
CA ASN A 150 0.14 29.79 -9.99
C ASN A 150 -1.32 29.49 -9.64
N TYR A 151 -2.23 29.66 -10.60
CA TYR A 151 -3.63 29.38 -10.32
C TYR A 151 -3.85 27.88 -10.04
N VAL A 152 -3.30 27.02 -10.90
CA VAL A 152 -3.44 25.57 -10.73
C VAL A 152 -2.85 25.12 -9.38
N GLN A 153 -1.65 25.60 -9.06
CA GLN A 153 -0.99 25.25 -7.81
C GLN A 153 -1.85 25.67 -6.60
N ASN A 154 -2.39 26.89 -6.64
CA ASN A 154 -3.24 27.43 -5.57
C ASN A 154 -4.49 26.58 -5.38
N THR A 155 -5.08 26.15 -6.48
CA THR A 155 -6.30 25.36 -6.46
C THR A 155 -6.06 23.96 -5.89
N ILE A 156 -4.95 23.32 -6.27
CA ILE A 156 -4.66 21.99 -5.73
C ILE A 156 -4.30 22.10 -4.26
N ALA A 157 -3.49 23.11 -3.91
CA ALA A 157 -3.08 23.33 -2.52
C ALA A 157 -4.27 23.65 -1.61
N ALA A 158 -5.26 24.39 -2.13
CA ALA A 158 -6.44 24.73 -1.35
C ALA A 158 -7.22 23.46 -1.04
N TYR A 159 -7.25 22.52 -2.00
CA TYR A 159 -7.93 21.23 -1.81
C TYR A 159 -7.20 20.41 -0.73
N ILE A 160 -5.88 20.34 -0.84
CA ILE A 160 -5.05 19.61 0.12
C ILE A 160 -5.18 20.22 1.51
N ASN A 161 -5.20 21.54 1.58
CA ASN A 161 -5.33 22.22 2.87
C ASN A 161 -6.72 22.09 3.47
N ASP A 162 -7.73 21.97 2.62
CA ASP A 162 -9.11 21.77 3.08
C ASP A 162 -9.19 20.38 3.68
N LEU A 163 -8.54 19.41 3.04
CA LEU A 163 -8.54 18.04 3.53
C LEU A 163 -7.81 17.96 4.87
N GLN A 164 -6.71 18.69 5.00
CA GLN A 164 -5.98 18.68 6.26
C GLN A 164 -6.82 19.28 7.39
N ALA A 165 -7.62 20.30 7.08
CA ALA A 165 -8.47 20.97 8.07
C ALA A 165 -9.55 20.03 8.61
N ILE A 166 -9.98 19.09 7.78
CA ILE A 166 -10.97 18.08 8.14
C ILE A 166 -10.29 17.01 9.01
N GLY A 167 -8.97 16.89 8.90
CA GLY A 167 -8.27 15.91 9.71
C GLY A 167 -7.44 14.91 8.95
N VAL A 168 -7.43 14.99 7.61
CA VAL A 168 -6.64 14.08 6.77
C VAL A 168 -5.16 14.30 7.08
N LYS A 169 -4.43 13.20 7.29
CA LYS A 169 -3.02 13.27 7.68
C LYS A 169 -1.97 13.01 6.60
N GLY A 170 -2.38 12.42 5.49
CA GLY A 170 -1.44 12.13 4.43
C GLY A 170 -2.06 12.13 3.05
N PHE A 171 -1.19 12.14 2.05
CA PHE A 171 -1.61 12.20 0.65
C PHE A 171 -0.76 11.35 -0.28
N ARG A 172 -1.43 10.66 -1.20
CA ARG A 172 -0.75 9.90 -2.23
C ARG A 172 -0.84 10.84 -3.43
N PHE A 173 0.29 11.23 -3.99
CA PHE A 173 0.30 12.09 -5.16
C PHE A 173 0.28 11.19 -6.37
N ASP A 174 -0.89 11.02 -6.94
CA ASP A 174 -1.07 10.17 -8.11
C ASP A 174 -0.34 10.71 -9.35
N ALA A 175 0.18 9.78 -10.16
CA ALA A 175 0.87 10.11 -11.40
C ALA A 175 1.94 11.18 -11.24
N SER A 176 2.74 11.11 -10.17
CA SER A 176 3.78 12.10 -9.92
C SER A 176 4.87 12.20 -10.99
N LYS A 177 5.17 11.09 -11.67
CA LYS A 177 6.17 11.08 -12.72
C LYS A 177 5.79 12.04 -13.86
N HIS A 178 4.50 12.26 -14.00
CA HIS A 178 3.96 13.13 -15.05
C HIS A 178 3.95 14.60 -14.69
N VAL A 179 4.49 14.92 -13.52
CA VAL A 179 4.57 16.30 -13.07
C VAL A 179 6.03 16.56 -12.69
N ALA A 180 6.61 17.63 -13.24
CA ALA A 180 7.99 17.98 -12.95
C ALA A 180 8.19 18.08 -11.44
N ALA A 181 9.29 17.51 -10.93
CA ALA A 181 9.58 17.56 -9.50
C ALA A 181 9.56 19.02 -8.98
N SER A 182 10.05 19.96 -9.80
CA SER A 182 10.07 21.37 -9.42
C SER A 182 8.66 21.96 -9.24
N ASP A 183 7.68 21.43 -9.98
CA ASP A 183 6.29 21.87 -9.85
C ASP A 183 5.74 21.37 -8.52
N ILE A 184 6.11 20.15 -8.14
CA ILE A 184 5.67 19.58 -6.86
C ILE A 184 6.32 20.37 -5.72
N GLN A 185 7.56 20.83 -5.89
CA GLN A 185 8.23 21.61 -4.85
C GLN A 185 7.49 22.95 -4.62
N SER A 186 7.05 23.57 -5.72
CA SER A 186 6.31 24.83 -5.66
C SER A 186 4.96 24.60 -5.01
N LEU A 187 4.30 23.51 -5.38
CA LEU A 187 3.01 23.15 -4.81
C LEU A 187 3.14 22.93 -3.29
N MET A 188 4.15 22.18 -2.86
CA MET A 188 4.36 21.88 -1.43
C MET A 188 4.60 23.15 -0.60
N ALA A 189 5.17 24.18 -1.22
CA ALA A 189 5.43 25.45 -0.55
C ALA A 189 4.10 26.12 -0.16
N LYS A 190 3.01 25.73 -0.82
CA LYS A 190 1.68 26.27 -0.54
C LYS A 190 0.88 25.37 0.41
N VAL A 191 1.40 24.19 0.70
CA VAL A 191 0.73 23.24 1.59
C VAL A 191 1.09 23.51 3.06
N ASN A 192 0.06 23.61 3.90
CA ASN A 192 0.24 23.87 5.34
C ASN A 192 0.87 22.72 6.08
N GLY A 193 1.78 23.04 6.99
CA GLY A 193 2.44 22.03 7.81
C GLY A 193 3.27 21.05 7.02
N SER A 194 3.37 19.84 7.53
CA SER A 194 4.14 18.80 6.87
C SER A 194 3.41 17.45 6.97
N PRO A 195 2.36 17.26 6.15
CA PRO A 195 1.61 16.01 6.15
C PRO A 195 2.46 14.90 5.53
N VAL A 196 2.06 13.65 5.71
CA VAL A 196 2.78 12.56 5.09
C VAL A 196 2.45 12.61 3.60
N VAL A 197 3.46 12.54 2.75
CA VAL A 197 3.24 12.57 1.30
C VAL A 197 4.05 11.47 0.64
N PHE A 198 3.40 10.61 -0.15
CA PHE A 198 4.14 9.62 -0.91
C PHE A 198 3.71 9.79 -2.38
N GLN A 199 4.71 9.76 -3.26
CA GLN A 199 4.50 9.99 -4.68
C GLN A 199 4.59 8.74 -5.53
N GLU A 200 3.57 8.52 -6.38
CA GLU A 200 3.59 7.37 -7.25
C GLU A 200 4.48 7.59 -8.47
N VAL A 201 5.63 6.91 -8.47
CA VAL A 201 6.58 6.99 -9.57
C VAL A 201 7.04 5.56 -9.87
N ILE A 202 6.67 5.05 -11.04
CA ILE A 202 7.07 3.70 -11.45
C ILE A 202 8.42 3.80 -12.14
N ASP A 203 9.47 3.31 -11.50
CA ASP A 203 10.80 3.37 -12.08
C ASP A 203 11.58 2.06 -11.91
N GLN A 204 11.67 1.28 -12.98
CA GLN A 204 12.39 0.01 -12.97
C GLN A 204 13.73 0.17 -13.67
N GLY A 205 14.10 1.43 -13.91
CA GLY A 205 15.35 1.76 -14.58
C GLY A 205 15.14 2.04 -16.05
N GLY A 206 16.01 2.87 -16.63
CA GLY A 206 15.91 3.21 -18.03
C GLY A 206 14.86 4.23 -18.42
N GLU A 207 14.33 4.94 -17.43
CA GLU A 207 13.32 5.95 -17.67
C GLU A 207 14.01 7.30 -17.88
N ALA A 208 13.37 8.20 -18.63
CA ALA A 208 13.90 9.54 -18.85
C ALA A 208 13.68 10.32 -17.54
N VAL A 209 12.64 9.95 -16.79
CA VAL A 209 12.32 10.57 -15.51
C VAL A 209 12.54 9.52 -14.41
N GLY A 210 13.42 9.82 -13.46
CA GLY A 210 13.71 8.87 -12.39
C GLY A 210 13.07 9.14 -11.04
N ALA A 211 12.84 8.06 -10.30
CA ALA A 211 12.23 8.12 -8.97
C ALA A 211 13.04 9.00 -8.04
N SER A 212 14.36 8.97 -8.20
CA SER A 212 15.25 9.75 -7.34
C SER A 212 14.97 11.26 -7.40
N GLU A 213 14.36 11.73 -8.49
CA GLU A 213 14.05 13.17 -8.61
C GLU A 213 13.01 13.66 -7.61
N TYR A 214 12.24 12.74 -7.05
CA TYR A 214 11.17 13.05 -6.11
C TYR A 214 11.49 12.85 -4.63
N LEU A 215 12.72 12.48 -4.32
CA LEU A 215 13.10 12.24 -2.92
C LEU A 215 13.00 13.44 -2.00
N SER A 216 13.11 14.65 -2.52
CA SER A 216 13.06 15.83 -1.65
C SER A 216 11.66 16.32 -1.32
N THR A 217 10.65 15.82 -2.02
CA THR A 217 9.28 16.27 -1.78
C THR A 217 8.40 15.31 -0.99
N GLY A 218 8.96 14.15 -0.66
CA GLY A 218 8.23 13.15 0.12
C GLY A 218 8.70 11.74 -0.16
N LEU A 219 7.96 10.77 0.37
CA LEU A 219 8.28 9.37 0.14
C LEU A 219 7.93 9.06 -1.32
N VAL A 220 8.51 7.97 -1.84
CA VAL A 220 8.28 7.57 -3.21
C VAL A 220 8.01 6.05 -3.25
N THR A 221 7.07 5.66 -4.08
CA THR A 221 6.75 4.24 -4.24
C THR A 221 7.95 3.56 -4.90
N GLU A 222 8.43 2.48 -4.27
CA GLU A 222 9.56 1.73 -4.82
C GLU A 222 9.02 0.51 -5.56
N PHE A 223 8.68 0.69 -6.84
CA PHE A 223 8.12 -0.40 -7.63
C PHE A 223 9.04 -1.57 -7.90
N LYS A 224 10.35 -1.39 -7.74
CA LYS A 224 11.28 -2.49 -7.96
C LYS A 224 11.05 -3.57 -6.90
N TYR A 225 10.58 -3.15 -5.73
CA TYR A 225 10.33 -4.05 -4.62
C TYR A 225 9.25 -5.08 -4.96
N SER A 226 8.09 -4.59 -5.40
CA SER A 226 6.98 -5.44 -5.78
C SER A 226 7.38 -6.47 -6.85
N THR A 227 8.08 -5.98 -7.88
CA THR A 227 8.50 -6.81 -8.99
C THR A 227 9.57 -7.83 -8.63
N GLU A 228 10.62 -7.38 -7.95
CA GLU A 228 11.72 -8.26 -7.56
C GLU A 228 11.29 -9.29 -6.51
N LEU A 229 10.44 -8.86 -5.59
CA LEU A 229 9.95 -9.77 -4.56
C LEU A 229 9.13 -10.86 -5.26
N GLY A 230 8.24 -10.45 -6.17
CA GLY A 230 7.43 -11.42 -6.88
C GLY A 230 8.27 -12.36 -7.71
N ASN A 231 9.26 -11.80 -8.41
CA ASN A 231 10.11 -12.62 -9.23
C ASN A 231 10.96 -13.63 -8.44
N THR A 232 11.47 -13.19 -7.29
CA THR A 232 12.30 -14.06 -6.46
C THR A 232 11.44 -15.18 -5.85
N PHE A 233 10.30 -14.80 -5.29
CA PHE A 233 9.40 -15.77 -4.68
C PHE A 233 8.87 -16.81 -5.66
N ARG A 234 8.74 -16.44 -6.94
N ARG A 234 8.73 -16.45 -6.93
CA ARG A 234 8.23 -17.37 -7.95
CA ARG A 234 8.23 -17.38 -7.93
C ARG A 234 9.30 -18.15 -8.69
C ARG A 234 9.31 -18.14 -8.67
N ASN A 235 10.29 -17.39 -9.20
CA ASN A 235 11.36 -17.96 -10.00
C ASN A 235 12.77 -18.02 -9.44
N GLY A 236 13.00 -17.47 -8.25
CA GLY A 236 14.35 -17.48 -7.71
C GLY A 236 14.50 -18.20 -6.39
N SER A 237 15.54 -17.83 -5.65
CA SER A 237 15.80 -18.43 -4.35
C SER A 237 15.62 -17.37 -3.27
N LEU A 238 14.93 -17.74 -2.19
CA LEU A 238 14.69 -16.80 -1.10
C LEU A 238 16.03 -16.41 -0.45
N ALA A 239 17.03 -17.31 -0.56
CA ALA A 239 18.36 -17.07 -0.01
C ALA A 239 18.97 -15.76 -0.54
N TRP A 240 18.56 -15.36 -1.75
CA TRP A 240 19.05 -14.13 -2.39
C TRP A 240 18.61 -12.85 -1.67
N LEU A 241 17.54 -12.95 -0.89
CA LEU A 241 17.00 -11.78 -0.18
C LEU A 241 17.78 -11.33 1.06
N SER A 242 18.91 -11.97 1.35
CA SER A 242 19.69 -11.61 2.54
C SER A 242 20.12 -10.13 2.60
N ASN A 243 20.28 -9.51 1.42
CA ASN A 243 20.66 -8.10 1.32
C ASN A 243 19.63 -7.29 0.51
N PHE A 244 18.36 -7.71 0.53
CA PHE A 244 17.26 -7.03 -0.19
C PHE A 244 17.20 -5.56 0.23
N GLY A 245 16.86 -4.67 -0.70
CA GLY A 245 16.79 -3.25 -0.37
C GLY A 245 17.82 -2.47 -1.18
N GLU A 246 18.55 -1.56 -0.53
CA GLU A 246 19.56 -0.73 -1.18
C GLU A 246 20.61 -1.59 -1.88
N GLY A 247 20.88 -2.77 -1.32
CA GLY A 247 21.85 -3.67 -1.91
C GLY A 247 21.48 -4.10 -3.31
N TRP A 248 20.18 -4.15 -3.60
CA TRP A 248 19.69 -4.53 -4.93
C TRP A 248 19.51 -3.30 -5.83
N GLY A 249 19.85 -2.12 -5.32
CA GLY A 249 19.72 -0.90 -6.11
C GLY A 249 18.46 -0.09 -5.86
N PHE A 250 17.69 -0.45 -4.82
CA PHE A 250 16.47 0.26 -4.47
C PHE A 250 16.84 1.59 -3.83
N MET A 251 15.86 2.49 -3.70
CA MET A 251 16.10 3.80 -3.09
C MET A 251 16.28 3.63 -1.58
N PRO A 252 16.67 4.72 -0.88
CA PRO A 252 16.85 4.63 0.58
C PRO A 252 15.60 4.11 1.29
N SER A 253 15.81 3.21 2.23
CA SER A 253 14.74 2.60 3.00
C SER A 253 13.78 3.62 3.60
N SER A 254 14.33 4.69 4.16
CA SER A 254 13.54 5.73 4.79
C SER A 254 12.72 6.60 3.83
N SER A 255 12.93 6.43 2.52
CA SER A 255 12.19 7.17 1.51
C SER A 255 11.17 6.32 0.78
N ALA A 256 11.25 5.00 0.94
CA ALA A 256 10.38 4.09 0.21
C ALA A 256 9.06 3.63 0.80
N VAL A 257 8.07 3.51 -0.08
CA VAL A 257 6.77 2.95 0.26
C VAL A 257 6.84 1.66 -0.58
N VAL A 258 6.62 0.53 0.05
CA VAL A 258 6.70 -0.78 -0.61
C VAL A 258 5.40 -1.56 -0.49
N PHE A 259 5.25 -2.59 -1.30
CA PHE A 259 4.05 -3.42 -1.30
C PHE A 259 4.30 -4.68 -2.11
N VAL A 260 3.51 -5.72 -1.86
CA VAL A 260 3.62 -6.96 -2.64
C VAL A 260 2.93 -6.68 -3.98
N ASP A 261 1.83 -5.93 -3.93
CA ASP A 261 1.06 -5.54 -5.13
C ASP A 261 0.22 -4.30 -4.81
N ASN A 262 -0.22 -3.58 -5.85
CA ASN A 262 -1.10 -2.43 -5.65
C ASN A 262 -2.29 -2.58 -6.62
N HIS A 263 -3.25 -1.66 -6.59
CA HIS A 263 -4.43 -1.78 -7.46
C HIS A 263 -4.14 -1.84 -8.96
N ASP A 264 -3.07 -1.20 -9.41
CA ASP A 264 -2.68 -1.21 -10.82
C ASP A 264 -2.00 -2.51 -11.23
N ASN A 265 -0.91 -2.86 -10.57
CA ASN A 265 -0.19 -4.06 -10.99
C ASN A 265 -0.85 -5.41 -10.76
N GLN A 266 -1.86 -5.47 -9.91
CA GLN A 266 -2.58 -6.73 -9.72
C GLN A 266 -3.50 -6.93 -10.93
N ARG A 267 -3.62 -5.89 -11.76
CA ARG A 267 -4.44 -5.90 -12.97
C ARG A 267 -3.58 -5.88 -14.24
N GLY A 268 -2.26 -5.96 -14.08
CA GLY A 268 -1.39 -5.95 -15.24
C GLY A 268 -0.94 -4.57 -15.73
N HIS A 269 -1.23 -3.51 -14.98
CA HIS A 269 -0.81 -2.16 -15.35
C HIS A 269 0.46 -1.81 -14.61
N GLY A 270 1.58 -1.77 -15.34
CA GLY A 270 2.86 -1.44 -14.73
C GLY A 270 3.54 -2.59 -14.03
N GLY A 271 2.97 -3.79 -14.19
CA GLY A 271 3.53 -4.99 -13.57
C GLY A 271 3.12 -6.24 -14.33
N ALA A 272 4.05 -7.18 -14.47
CA ALA A 272 3.80 -8.44 -15.19
C ALA A 272 3.18 -9.54 -14.32
N GLY A 273 3.05 -10.73 -14.91
CA GLY A 273 2.47 -11.87 -14.22
C GLY A 273 3.26 -12.36 -13.03
N ASN A 274 4.51 -11.93 -12.90
CA ASN A 274 5.33 -12.34 -11.74
C ASN A 274 4.92 -11.66 -10.44
N VAL A 275 4.16 -10.56 -10.54
CA VAL A 275 3.66 -9.85 -9.36
C VAL A 275 2.73 -10.82 -8.63
N ILE A 276 2.91 -10.98 -7.32
CA ILE A 276 2.09 -11.90 -6.54
C ILE A 276 0.87 -11.16 -5.99
N THR A 277 -0.31 -11.80 -6.06
CA THR A 277 -1.57 -11.19 -5.58
C THR A 277 -2.41 -12.19 -4.78
N PHE A 278 -3.58 -11.76 -4.30
CA PHE A 278 -4.46 -12.63 -3.53
C PHE A 278 -4.81 -13.93 -4.26
N GLU A 279 -4.78 -13.91 -5.59
CA GLU A 279 -5.10 -15.10 -6.36
C GLU A 279 -4.14 -16.26 -6.12
N ASP A 280 -2.92 -15.91 -5.68
CA ASP A 280 -1.90 -16.90 -5.41
C ASP A 280 -1.95 -17.57 -4.04
N GLY A 281 -2.97 -17.22 -3.25
CA GLY A 281 -3.18 -17.81 -1.93
C GLY A 281 -2.02 -17.82 -0.96
N ARG A 282 -1.55 -19.01 -0.63
N ARG A 282 -1.55 -19.03 -0.62
CA ARG A 282 -0.44 -19.18 0.31
CA ARG A 282 -0.43 -19.21 0.28
C ARG A 282 0.85 -18.48 -0.16
C ARG A 282 0.85 -18.48 -0.16
N LEU A 283 1.06 -18.40 -1.47
CA LEU A 283 2.25 -17.71 -2.00
C LEU A 283 2.18 -16.24 -1.56
N TYR A 284 0.96 -15.68 -1.59
CA TYR A 284 0.74 -14.30 -1.19
C TYR A 284 1.00 -14.14 0.32
N ASP A 285 0.51 -15.09 1.12
CA ASP A 285 0.74 -15.06 2.57
C ASP A 285 2.24 -14.96 2.85
N LEU A 286 3.01 -15.86 2.25
CA LEU A 286 4.46 -15.91 2.45
C LEU A 286 5.20 -14.66 1.99
N ALA A 287 4.80 -14.12 0.84
CA ALA A 287 5.45 -12.91 0.34
C ALA A 287 5.20 -11.75 1.32
N ASN A 288 3.98 -11.68 1.85
CA ASN A 288 3.63 -10.62 2.80
C ASN A 288 4.38 -10.78 4.12
N VAL A 289 4.55 -12.02 4.58
CA VAL A 289 5.27 -12.30 5.82
C VAL A 289 6.69 -11.77 5.67
N PHE A 290 7.32 -12.04 4.53
CA PHE A 290 8.67 -11.56 4.31
C PHE A 290 8.72 -10.03 4.35
N MET A 291 7.86 -9.38 3.58
CA MET A 291 7.83 -7.92 3.53
C MET A 291 7.64 -7.25 4.90
N LEU A 292 6.72 -7.79 5.70
CA LEU A 292 6.42 -7.21 7.00
C LEU A 292 7.46 -7.48 8.07
N ALA A 293 8.19 -8.58 7.93
CA ALA A 293 9.26 -8.94 8.87
C ALA A 293 10.57 -8.22 8.51
N TYR A 294 10.78 -7.99 7.21
CA TYR A 294 11.99 -7.34 6.71
C TYR A 294 12.00 -5.81 6.96
N PRO A 295 13.09 -5.28 7.52
CA PRO A 295 13.23 -3.85 7.84
C PRO A 295 13.56 -2.87 6.71
N TYR A 296 12.80 -2.91 5.62
CA TYR A 296 13.03 -2.00 4.51
C TYR A 296 11.70 -1.35 4.12
N GLY A 297 11.71 -0.03 4.00
CA GLY A 297 10.52 0.71 3.59
C GLY A 297 9.34 0.80 4.52
N TYR A 298 8.33 1.55 4.06
CA TYR A 298 7.09 1.76 4.79
C TYR A 298 6.09 0.95 3.96
N PRO A 299 5.70 -0.24 4.47
CA PRO A 299 4.76 -1.04 3.70
C PRO A 299 3.27 -0.78 3.80
N LYS A 300 2.57 -1.04 2.68
CA LYS A 300 1.12 -0.95 2.67
C LYS A 300 0.57 -2.27 2.19
N VAL A 301 -0.33 -2.83 3.00
CA VAL A 301 -0.99 -4.07 2.68
C VAL A 301 -2.09 -3.72 1.68
N MET A 302 -2.28 -4.59 0.70
CA MET A 302 -3.33 -4.40 -0.31
C MET A 302 -4.63 -5.05 0.19
N SER A 303 -5.78 -4.42 -0.08
CA SER A 303 -7.06 -5.02 0.31
C SER A 303 -7.89 -4.89 -0.97
N SER A 304 -8.19 -6.04 -1.56
CA SER A 304 -8.86 -6.13 -2.85
C SER A 304 -10.25 -6.75 -2.89
N TYR A 305 -10.79 -6.77 -4.10
CA TYR A 305 -12.06 -7.42 -4.37
C TYR A 305 -11.78 -8.38 -5.54
N ASP A 306 -12.48 -9.50 -5.54
CA ASP A 306 -12.34 -10.48 -6.59
C ASP A 306 -12.95 -9.83 -7.84
N PHE A 307 -12.14 -9.53 -8.84
CA PHE A 307 -12.65 -8.90 -10.06
C PHE A 307 -13.05 -9.88 -11.17
N HIS A 308 -12.93 -11.18 -10.87
CA HIS A 308 -13.31 -12.25 -11.79
C HIS A 308 -12.74 -12.07 -13.18
N GLY A 309 -11.44 -11.78 -13.25
CA GLY A 309 -10.79 -11.60 -14.53
C GLY A 309 -11.11 -10.34 -15.33
N ASP A 310 -12.05 -9.52 -14.85
CA ASP A 310 -12.41 -8.30 -15.54
C ASP A 310 -11.56 -7.18 -14.95
N THR A 311 -10.53 -6.77 -15.68
CA THR A 311 -9.63 -5.71 -15.22
C THR A 311 -10.18 -4.28 -15.24
N ASP A 312 -11.41 -4.12 -15.73
CA ASP A 312 -12.04 -2.80 -15.76
C ASP A 312 -13.14 -2.67 -14.71
N ALA A 313 -13.66 -3.80 -14.27
CA ALA A 313 -14.75 -3.83 -13.30
C ALA A 313 -14.54 -3.11 -11.98
N GLY A 314 -15.63 -2.51 -11.50
CA GLY A 314 -15.63 -1.81 -10.23
C GLY A 314 -15.81 -2.84 -9.11
N GLY A 315 -15.99 -2.37 -7.88
CA GLY A 315 -16.13 -3.28 -6.77
C GLY A 315 -17.46 -4.01 -6.63
N PRO A 316 -17.59 -4.88 -5.61
CA PRO A 316 -18.81 -5.65 -5.30
C PRO A 316 -20.04 -4.76 -5.12
N ASN A 317 -21.21 -5.32 -5.39
CA ASN A 317 -22.45 -4.57 -5.24
C ASN A 317 -23.05 -4.77 -3.85
N VAL A 318 -22.20 -5.07 -2.88
CA VAL A 318 -22.63 -5.29 -1.51
C VAL A 318 -21.56 -4.71 -0.57
N PRO A 319 -21.97 -4.01 0.52
CA PRO A 319 -20.97 -3.44 1.43
C PRO A 319 -20.20 -4.54 2.19
N VAL A 320 -19.04 -4.17 2.74
CA VAL A 320 -18.25 -5.13 3.52
C VAL A 320 -19.00 -5.49 4.78
N HIS A 321 -19.50 -4.48 5.46
CA HIS A 321 -20.28 -4.64 6.69
C HIS A 321 -21.74 -4.59 6.28
N ASN A 322 -22.23 -5.75 5.93
CA ASN A 322 -23.59 -5.94 5.41
C ASN A 322 -24.59 -6.56 6.39
N ASN A 323 -25.32 -5.71 7.10
CA ASN A 323 -26.33 -6.18 8.06
C ASN A 323 -25.78 -7.18 9.06
N GLY A 324 -24.63 -6.86 9.67
CA GLY A 324 -24.02 -7.75 10.64
C GLY A 324 -23.31 -8.95 10.02
N ASN A 325 -23.16 -8.92 8.71
CA ASN A 325 -22.50 -10.00 7.98
C ASN A 325 -21.25 -9.40 7.30
N LEU A 326 -20.08 -10.03 7.49
CA LEU A 326 -18.84 -9.54 6.89
C LEU A 326 -18.62 -10.18 5.52
N GLU A 327 -18.73 -9.39 4.47
CA GLU A 327 -18.57 -9.87 3.10
C GLU A 327 -17.10 -10.00 2.68
N CYS A 328 -16.33 -10.73 3.48
CA CYS A 328 -14.89 -10.95 3.22
C CYS A 328 -14.52 -12.39 2.88
N PHE A 329 -13.31 -12.55 2.34
CA PHE A 329 -12.71 -13.85 2.03
C PHE A 329 -13.26 -14.70 0.90
N ALA A 330 -14.39 -14.33 0.31
CA ALA A 330 -14.95 -15.14 -0.77
C ALA A 330 -14.86 -14.46 -2.15
N SER A 331 -15.97 -14.37 -2.88
CA SER A 331 -15.95 -13.78 -4.21
C SER A 331 -16.29 -12.29 -4.32
N ASN A 332 -16.40 -11.62 -3.17
CA ASN A 332 -16.66 -10.18 -3.14
C ASN A 332 -15.36 -9.52 -2.65
N TRP A 333 -15.36 -8.94 -1.45
CA TRP A 333 -14.15 -8.33 -0.91
C TRP A 333 -13.23 -9.46 -0.40
N LYS A 334 -11.95 -9.38 -0.74
CA LYS A 334 -10.97 -10.38 -0.31
C LYS A 334 -10.50 -10.14 1.12
N CYS A 335 -10.37 -8.86 1.50
CA CYS A 335 -9.95 -8.44 2.84
C CYS A 335 -8.63 -9.05 3.31
N GLU A 336 -7.61 -8.95 2.46
CA GLU A 336 -6.28 -9.50 2.77
C GLU A 336 -5.70 -8.97 4.07
N HIS A 337 -6.07 -7.74 4.45
CA HIS A 337 -5.58 -7.15 5.70
C HIS A 337 -6.07 -7.92 6.95
N ARG A 338 -7.05 -8.80 6.77
CA ARG A 338 -7.59 -9.65 7.85
C ARG A 338 -7.03 -11.09 7.77
N TRP A 339 -6.31 -11.43 6.69
CA TRP A 339 -5.75 -12.77 6.57
C TRP A 339 -4.79 -13.00 7.73
N SER A 340 -4.92 -14.13 8.41
CA SER A 340 -4.09 -14.39 9.58
C SER A 340 -2.56 -14.19 9.42
N TYR A 341 -1.98 -14.66 8.32
CA TYR A 341 -0.54 -14.48 8.12
C TYR A 341 -0.15 -13.02 7.92
N ILE A 342 -1.04 -12.26 7.29
CA ILE A 342 -0.79 -10.86 7.00
C ILE A 342 -0.97 -10.00 8.26
N ALA A 343 -2.06 -10.18 8.99
CA ALA A 343 -2.28 -9.43 10.23
C ALA A 343 -1.20 -9.82 11.26
N GLY A 344 -0.77 -11.08 11.22
CA GLY A 344 0.30 -11.53 12.11
C GLY A 344 1.62 -10.87 11.72
N GLY A 345 1.85 -10.70 10.42
CA GLY A 345 3.06 -10.04 9.95
C GLY A 345 3.10 -8.59 10.42
N VAL A 346 1.93 -7.94 10.41
CA VAL A 346 1.79 -6.55 10.85
C VAL A 346 2.08 -6.46 12.35
N ASP A 347 1.54 -7.40 13.11
CA ASP A 347 1.76 -7.44 14.55
C ASP A 347 3.27 -7.59 14.82
N PHE A 348 3.95 -8.43 14.05
CA PHE A 348 5.39 -8.64 14.19
C PHE A 348 6.16 -7.34 13.89
N ARG A 349 5.80 -6.65 12.81
CA ARG A 349 6.48 -5.41 12.45
C ARG A 349 6.27 -4.36 13.53
N ASN A 350 5.07 -4.28 14.06
CA ASN A 350 4.74 -3.32 15.11
C ASN A 350 5.56 -3.56 16.38
N ASN A 351 5.83 -4.83 16.67
CA ASN A 351 6.57 -5.20 17.88
C ASN A 351 8.06 -5.39 17.78
N THR A 352 8.63 -5.10 16.61
CA THR A 352 10.08 -5.23 16.40
C THR A 352 10.65 -3.89 15.90
N ALA A 353 9.83 -2.83 16.01
CA ALA A 353 10.18 -1.49 15.55
C ALA A 353 11.27 -0.80 16.37
N ASP A 354 11.76 -1.47 17.39
CA ASP A 354 12.83 -0.91 18.20
C ASP A 354 14.17 -1.50 17.78
N ASN A 355 14.17 -2.35 16.76
CA ASN A 355 15.39 -2.95 16.26
C ASN A 355 15.23 -3.21 14.76
N TRP A 356 15.74 -2.27 13.95
CA TRP A 356 15.65 -2.34 12.49
C TRP A 356 16.80 -3.07 11.78
N ALA A 357 17.49 -3.95 12.49
CA ALA A 357 18.58 -4.71 11.90
C ALA A 357 18.11 -6.13 11.62
N VAL A 358 18.70 -6.75 10.61
CA VAL A 358 18.39 -8.15 10.29
C VAL A 358 19.55 -8.88 10.95
N THR A 359 19.25 -9.70 11.94
CA THR A 359 20.30 -10.42 12.67
C THR A 359 20.21 -11.91 12.44
N ASN A 360 21.35 -12.59 12.53
CA ASN A 360 21.41 -14.04 12.39
C ASN A 360 20.69 -14.63 11.19
N TRP A 361 21.03 -14.16 10.01
CA TRP A 361 20.42 -14.66 8.79
C TRP A 361 20.90 -16.09 8.54
N TRP A 362 19.95 -16.96 8.23
CA TRP A 362 20.23 -18.37 7.93
C TRP A 362 19.39 -18.76 6.71
N ASP A 363 19.95 -19.60 5.85
CA ASP A 363 19.22 -20.12 4.69
C ASP A 363 19.84 -21.47 4.27
N ASN A 364 19.10 -22.26 3.50
CA ASN A 364 19.61 -23.55 3.04
C ASN A 364 20.17 -23.42 1.62
N THR A 365 20.57 -22.19 1.26
CA THR A 365 21.11 -21.82 -0.07
C THR A 365 19.98 -21.69 -1.09
N ASN A 366 18.76 -22.02 -0.70
CA ASN A 366 17.65 -21.95 -1.65
C ASN A 366 16.37 -21.32 -1.11
N ASN A 367 15.34 -22.14 -0.86
CA ASN A 367 14.05 -21.63 -0.40
C ASN A 367 13.63 -21.77 1.06
N GLN A 368 14.59 -21.86 1.96
CA GLN A 368 14.32 -21.91 3.39
C GLN A 368 15.19 -20.80 3.98
N ILE A 369 14.54 -19.87 4.68
CA ILE A 369 15.25 -18.75 5.29
C ILE A 369 14.74 -18.48 6.71
N SER A 370 15.59 -17.82 7.48
CA SER A 370 15.26 -17.46 8.86
C SER A 370 16.14 -16.28 9.28
N PHE A 371 15.58 -15.33 10.01
CA PHE A 371 16.35 -14.20 10.49
C PHE A 371 15.62 -13.58 11.66
N GLY A 372 16.33 -12.74 12.40
CA GLY A 372 15.71 -12.07 13.52
C GLY A 372 15.84 -10.57 13.46
N ARG A 373 15.25 -9.92 14.48
N ARG A 373 15.22 -9.92 14.42
CA ARG A 373 15.27 -8.48 14.64
CA ARG A 373 15.27 -8.49 14.62
C ARG A 373 15.86 -8.33 16.03
C ARG A 373 15.86 -8.34 16.04
N GLY A 374 17.06 -8.89 16.22
CA GLY A 374 17.70 -8.83 17.51
C GLY A 374 16.85 -9.63 18.48
N SER A 375 16.74 -9.15 19.70
CA SER A 375 15.95 -9.83 20.72
C SER A 375 14.47 -9.46 20.71
N SER A 376 14.04 -8.69 19.71
CA SER A 376 12.64 -8.30 19.63
C SER A 376 11.79 -9.34 18.91
N GLY A 377 12.39 -10.10 18.01
CA GLY A 377 11.64 -11.12 17.30
C GLY A 377 12.47 -11.97 16.39
N HIS A 378 11.86 -13.04 15.88
CA HIS A 378 12.51 -13.97 14.96
C HIS A 378 11.43 -14.59 14.06
N MET A 379 11.81 -14.97 12.84
CA MET A 379 10.86 -15.54 11.89
C MET A 379 11.55 -16.58 11.03
N ALA A 380 10.75 -17.35 10.30
CA ALA A 380 11.28 -18.35 9.38
C ALA A 380 10.23 -18.64 8.32
N ILE A 381 10.69 -18.85 7.08
CA ILE A 381 9.82 -19.20 5.97
C ILE A 381 10.37 -20.47 5.29
N ASN A 382 9.48 -21.41 4.98
CA ASN A 382 9.87 -22.64 4.29
C ASN A 382 9.10 -22.72 2.98
N LYS A 383 9.79 -22.52 1.86
CA LYS A 383 9.15 -22.60 0.55
C LYS A 383 9.63 -23.83 -0.24
N GLU A 384 10.24 -24.79 0.45
CA GLU A 384 10.68 -26.05 -0.16
C GLU A 384 9.50 -26.99 0.04
N ASP A 385 9.56 -28.21 -0.49
CA ASP A 385 8.45 -29.12 -0.27
C ASP A 385 8.74 -30.22 0.74
N SER A 386 9.73 -29.98 1.60
CA SER A 386 10.09 -30.90 2.66
C SER A 386 10.19 -30.03 3.92
N THR A 387 9.84 -30.60 5.06
CA THR A 387 9.84 -29.89 6.34
C THR A 387 11.16 -29.21 6.68
N LEU A 388 11.06 -28.00 7.23
CA LEU A 388 12.23 -27.24 7.67
C LEU A 388 12.40 -27.62 9.14
N THR A 389 13.45 -28.40 9.42
CA THR A 389 13.71 -28.85 10.79
C THR A 389 15.07 -28.38 11.35
N ALA A 390 15.70 -27.41 10.67
CA ALA A 390 16.98 -26.88 11.11
C ALA A 390 16.90 -26.14 12.45
N THR A 391 18.00 -26.19 13.20
CA THR A 391 18.11 -25.48 14.48
C THR A 391 18.75 -24.13 14.14
N VAL A 392 18.10 -23.04 14.51
CA VAL A 392 18.63 -21.72 14.19
C VAL A 392 18.91 -20.93 15.44
N GLN A 393 19.85 -20.00 15.34
CA GLN A 393 20.24 -19.16 16.48
C GLN A 393 19.44 -17.86 16.52
N THR A 394 18.96 -17.48 17.70
CA THR A 394 18.22 -16.24 17.88
C THR A 394 18.86 -15.46 19.06
N ASP A 395 18.46 -14.21 19.23
CA ASP A 395 18.93 -13.39 20.36
C ASP A 395 17.80 -13.24 21.36
N MET A 396 16.79 -14.10 21.24
CA MET A 396 15.65 -14.01 22.11
C MET A 396 15.73 -14.76 23.43
N ALA A 397 15.05 -14.21 24.44
CA ALA A 397 15.00 -14.81 25.76
C ALA A 397 14.32 -16.18 25.67
N SER A 398 14.85 -17.17 26.38
CA SER A 398 14.27 -18.50 26.34
C SER A 398 12.86 -18.49 26.90
N GLY A 399 12.04 -19.41 26.40
CA GLY A 399 10.66 -19.49 26.83
C GLY A 399 9.73 -19.96 25.72
N GLN A 400 8.42 -19.82 25.98
CA GLN A 400 7.35 -20.22 25.07
C GLN A 400 6.79 -18.97 24.41
N TYR A 401 6.57 -19.03 23.10
CA TYR A 401 6.05 -17.90 22.35
C TYR A 401 4.94 -18.32 21.38
N CYS A 402 4.00 -17.43 21.13
CA CYS A 402 2.94 -17.75 20.17
C CYS A 402 3.45 -17.48 18.76
N ASN A 403 3.21 -18.41 17.85
CA ASN A 403 3.57 -18.17 16.45
C ASN A 403 2.45 -17.20 16.05
N VAL A 404 2.76 -15.89 15.97
CA VAL A 404 1.74 -14.89 15.67
C VAL A 404 1.12 -14.92 14.27
N LEU A 405 1.64 -15.77 13.41
CA LEU A 405 1.11 -15.94 12.06
C LEU A 405 -0.11 -16.87 12.11
N LYS A 406 -0.21 -17.67 13.17
CA LYS A 406 -1.29 -18.64 13.32
C LYS A 406 -2.17 -18.45 14.54
N GLY A 407 -1.91 -17.42 15.32
CA GLY A 407 -2.71 -17.20 16.50
C GLY A 407 -2.18 -16.04 17.32
N GLU A 408 -2.73 -15.86 18.51
CA GLU A 408 -2.29 -14.76 19.34
C GLU A 408 -2.31 -15.12 20.82
N LEU A 409 -1.66 -14.27 21.61
CA LEU A 409 -1.55 -14.43 23.05
C LEU A 409 -2.87 -13.97 23.69
N SER A 410 -3.34 -14.71 24.69
CA SER A 410 -4.57 -14.39 25.41
C SER A 410 -4.31 -13.16 26.30
N ALA A 411 -5.38 -12.48 26.72
CA ALA A 411 -5.26 -11.28 27.57
C ALA A 411 -4.41 -11.49 28.83
N ASP A 412 -4.61 -12.63 29.48
CA ASP A 412 -3.87 -12.96 30.70
C ASP A 412 -2.49 -13.55 30.43
N ALA A 413 -2.12 -13.62 29.14
CA ALA A 413 -0.84 -14.14 28.67
C ALA A 413 -0.50 -15.56 29.13
N LYS A 414 -1.52 -16.37 29.37
CA LYS A 414 -1.34 -17.75 29.81
C LYS A 414 -1.43 -18.77 28.67
N SER A 415 -1.97 -18.36 27.53
CA SER A 415 -2.11 -19.27 26.39
C SER A 415 -2.08 -18.57 25.03
N CYS A 416 -1.90 -19.38 23.98
CA CYS A 416 -1.89 -18.92 22.61
C CYS A 416 -3.11 -19.56 21.95
N SER A 417 -3.56 -19.02 20.83
CA SER A 417 -4.68 -19.63 20.11
C SER A 417 -4.13 -20.52 18.99
N GLY A 418 -2.85 -20.35 18.67
CA GLY A 418 -2.21 -21.15 17.63
C GLY A 418 -1.03 -21.93 18.20
N GLU A 419 -0.16 -22.47 17.34
CA GLU A 419 0.98 -23.23 17.82
C GLU A 419 1.96 -22.41 18.62
N VAL A 420 2.70 -23.08 19.51
N VAL A 420 2.68 -23.08 19.51
CA VAL A 420 3.68 -22.44 20.37
CA VAL A 420 3.67 -22.45 20.39
C VAL A 420 5.09 -22.77 19.90
C VAL A 420 5.09 -22.76 19.88
N ILE A 421 5.97 -21.75 19.91
CA ILE A 421 7.34 -21.92 19.49
C ILE A 421 8.20 -21.84 20.75
N THR A 422 9.20 -22.70 20.84
CA THR A 422 10.06 -22.72 22.02
C THR A 422 11.46 -22.23 21.72
N VAL A 423 11.91 -21.24 22.49
CA VAL A 423 13.26 -20.74 22.38
C VAL A 423 14.04 -21.41 23.54
N ASN A 424 15.00 -22.27 23.18
CA ASN A 424 15.83 -23.00 24.14
C ASN A 424 16.70 -22.08 25.01
N SER A 425 17.28 -22.64 26.08
CA SER A 425 18.11 -21.86 27.00
C SER A 425 19.32 -21.23 26.32
N ASP A 426 19.78 -21.82 25.22
CA ASP A 426 20.91 -21.27 24.49
C ASP A 426 20.47 -20.31 23.37
N GLY A 427 19.18 -19.97 23.34
CA GLY A 427 18.67 -19.07 22.33
C GLY A 427 18.27 -19.69 20.99
N THR A 428 18.52 -20.98 20.81
CA THR A 428 18.16 -21.63 19.55
C THR A 428 16.69 -22.06 19.49
N ILE A 429 16.21 -22.30 18.26
CA ILE A 429 14.86 -22.79 18.03
C ILE A 429 15.03 -24.01 17.12
N ASN A 430 14.40 -25.12 17.48
CA ASN A 430 14.44 -26.33 16.67
C ASN A 430 13.17 -26.24 15.81
N LEU A 431 13.34 -25.71 14.60
CA LEU A 431 12.22 -25.50 13.70
C LEU A 431 11.48 -26.76 13.28
N ASN A 432 10.19 -26.60 12.98
CA ASN A 432 9.35 -27.71 12.54
C ASN A 432 8.27 -27.03 11.66
N ILE A 433 8.70 -26.56 10.49
CA ILE A 433 7.79 -25.86 9.57
C ILE A 433 7.53 -26.65 8.29
N GLY A 434 6.27 -27.01 8.08
CA GLY A 434 5.89 -27.77 6.90
C GLY A 434 6.13 -27.00 5.61
N ALA A 435 6.02 -27.67 4.47
CA ALA A 435 6.23 -27.02 3.18
C ALA A 435 5.26 -25.84 3.00
N TRP A 436 5.77 -24.75 2.44
CA TRP A 436 4.97 -23.56 2.21
C TRP A 436 4.28 -23.02 3.45
N ASP A 437 5.05 -22.88 4.52
CA ASP A 437 4.54 -22.39 5.78
C ASP A 437 5.60 -21.48 6.41
N ALA A 438 5.27 -20.87 7.54
CA ALA A 438 6.19 -19.97 8.20
C ALA A 438 5.86 -19.77 9.67
N MET A 439 6.74 -19.07 10.38
CA MET A 439 6.53 -18.75 11.78
C MET A 439 7.16 -17.39 12.07
N ALA A 440 6.59 -16.69 13.04
CA ALA A 440 7.11 -15.41 13.48
C ALA A 440 6.77 -15.27 14.97
N ILE A 441 7.75 -14.84 15.76
CA ILE A 441 7.55 -14.66 17.19
C ILE A 441 8.19 -13.34 17.61
N HIS A 442 7.64 -12.70 18.62
CA HIS A 442 8.18 -11.45 19.12
C HIS A 442 8.07 -11.38 20.65
N LYS A 443 8.87 -10.51 21.25
CA LYS A 443 8.94 -10.35 22.69
C LYS A 443 7.65 -9.99 23.42
N ASN A 444 6.68 -9.45 22.69
CA ASN A 444 5.41 -9.10 23.31
C ASN A 444 4.29 -10.14 23.14
N ALA A 445 4.67 -11.35 22.72
CA ALA A 445 3.74 -12.47 22.54
C ALA A 445 4.39 -13.70 23.17
N LYS A 446 4.95 -13.51 24.36
CA LYS A 446 5.62 -14.54 25.13
C LYS A 446 4.69 -15.03 26.25
N LEU A 447 4.61 -16.35 26.41
CA LEU A 447 3.77 -16.93 27.45
C LEU A 447 4.35 -16.72 28.84
N ASN A 448 3.46 -16.48 29.80
CA ASN A 448 3.87 -16.28 31.19
C ASN A 448 3.79 -17.62 31.94
#